data_3FTK
# 
_entry.id   3FTK 
# 
_audit_conform.dict_name       mmcif_pdbx.dic 
_audit_conform.dict_version    5.387 
_audit_conform.dict_location   http://mmcif.pdb.org/dictionaries/ascii/mmcif_pdbx.dic 
# 
loop_
_database_2.database_id 
_database_2.database_code 
_database_2.pdbx_database_accession 
_database_2.pdbx_DOI 
PDB   3FTK         pdb_00003ftk 10.2210/pdb3ftk/pdb 
RCSB  RCSB051024   ?            ?                   
WWPDB D_1000051024 ?            ?                   
# 
loop_
_pdbx_audit_revision_history.ordinal 
_pdbx_audit_revision_history.data_content_type 
_pdbx_audit_revision_history.major_revision 
_pdbx_audit_revision_history.minor_revision 
_pdbx_audit_revision_history.revision_date 
1 'Structure model' 1 0 2009-06-30 
2 'Structure model' 1 1 2011-07-13 
3 'Structure model' 1 2 2017-11-01 
4 'Structure model' 1 3 2024-02-21 
# 
_pdbx_audit_revision_details.ordinal             1 
_pdbx_audit_revision_details.revision_ordinal    1 
_pdbx_audit_revision_details.data_content_type   'Structure model' 
_pdbx_audit_revision_details.provider            repository 
_pdbx_audit_revision_details.type                'Initial release' 
_pdbx_audit_revision_details.description         ? 
_pdbx_audit_revision_details.details             ? 
# 
loop_
_pdbx_audit_revision_group.ordinal 
_pdbx_audit_revision_group.revision_ordinal 
_pdbx_audit_revision_group.data_content_type 
_pdbx_audit_revision_group.group 
1 2 'Structure model' 'Version format compliance' 
2 3 'Structure model' 'Refinement description'    
3 3 'Structure model' 'Source and taxonomy'       
4 4 'Structure model' 'Data collection'           
5 4 'Structure model' 'Database references'       
# 
loop_
_pdbx_audit_revision_category.ordinal 
_pdbx_audit_revision_category.revision_ordinal 
_pdbx_audit_revision_category.data_content_type 
_pdbx_audit_revision_category.category 
1 3 'Structure model' pdbx_entity_src_syn 
2 3 'Structure model' software            
3 4 'Structure model' chem_comp_atom      
4 4 'Structure model' chem_comp_bond      
5 4 'Structure model' database_2          
# 
loop_
_pdbx_audit_revision_item.ordinal 
_pdbx_audit_revision_item.revision_ordinal 
_pdbx_audit_revision_item.data_content_type 
_pdbx_audit_revision_item.item 
1 3 'Structure model' '_pdbx_entity_src_syn.details'              
2 3 'Structure model' '_pdbx_entity_src_syn.ncbi_taxonomy_id'     
3 3 'Structure model' '_pdbx_entity_src_syn.organism_common_name' 
4 3 'Structure model' '_pdbx_entity_src_syn.organism_scientific'  
5 4 'Structure model' '_database_2.pdbx_DOI'                      
6 4 'Structure model' '_database_2.pdbx_database_accession'       
# 
_pdbx_database_status.entry_id                        3FTK 
_pdbx_database_status.deposit_site                    RCSB 
_pdbx_database_status.process_site                    RCSB 
_pdbx_database_status.recvd_initial_deposition_date   2009-01-13 
_pdbx_database_status.status_code                     REL 
_pdbx_database_status.status_code_sf                  REL 
_pdbx_database_status.status_code_mr                  ? 
_pdbx_database_status.SG_entry                        ? 
_pdbx_database_status.pdb_format_compatible           Y 
_pdbx_database_status.status_code_cs                  ? 
_pdbx_database_status.methods_development_category    ? 
_pdbx_database_status.status_code_nmr_data            ? 
# 
loop_
_pdbx_database_related.db_name 
_pdbx_database_related.db_id 
_pdbx_database_related.details 
_pdbx_database_related.content_type 
PDB 3FOD . unspecified 
PDB 3FPO . unspecified 
PDB 3FQP . unspecified 
PDB 3FR1 . unspecified 
PDB 3FTH . unspecified 
PDB 3FTK . unspecified 
# 
loop_
_audit_author.name 
_audit_author.pdbx_ordinal 
'Wiltzius, J.J.W.' 1 
'Sawaya, M.R.'     2 
'Eisenberg, D.'    3 
# 
_citation.id                        primary 
_citation.title                     'Molecular mechanisms for protein-encoded inheritance' 
_citation.journal_abbrev            Nat.Struct.Mol.Biol. 
_citation.journal_volume            16 
_citation.page_first                973 
_citation.page_last                 978 
_citation.year                      2009 
_citation.journal_id_ASTM           ? 
_citation.country                   US 
_citation.journal_id_ISSN           1545-9993 
_citation.journal_id_CSD            ? 
_citation.book_publisher            ? 
_citation.pdbx_database_id_PubMed   19684598 
_citation.pdbx_database_id_DOI      10.1038/nsmb.1643 
# 
loop_
_citation_author.citation_id 
_citation_author.name 
_citation_author.ordinal 
_citation_author.identifier_ORCID 
primary 'Wiltzius, J.J.'  1  ? 
primary 'Landau, M.'      2  ? 
primary 'Nelson, R.'      3  ? 
primary 'Sawaya, M.R.'    4  ? 
primary 'Apostol, M.I.'   5  ? 
primary 'Goldschmidt, L.' 6  ? 
primary 'Soriaga, A.B.'   7  ? 
primary 'Cascio, D.'      8  ? 
primary 'Rajashankar, K.' 9  ? 
primary 'Eisenberg, D.'   10 ? 
# 
loop_
_entity.id 
_entity.type 
_entity.src_method 
_entity.pdbx_description 
_entity.formula_weight 
_entity.pdbx_number_of_molecules 
_entity.pdbx_ec 
_entity.pdbx_mutation 
_entity.pdbx_fragment 
_entity.details 
1 polymer syn 'NVGSNTY heptapeptide segment from Islet Amyloid Polypeptide' 753.759 1 ? ? ? ? 
2 water   nat water                                                         18.015  5 ? ? ? ? 
# 
_entity_poly.entity_id                      1 
_entity_poly.type                           'polypeptide(L)' 
_entity_poly.nstd_linkage                   no 
_entity_poly.nstd_monomer                   no 
_entity_poly.pdbx_seq_one_letter_code       NVGSNTY 
_entity_poly.pdbx_seq_one_letter_code_can   NVGSNTY 
_entity_poly.pdbx_strand_id                 A 
_entity_poly.pdbx_target_identifier         ? 
# 
_pdbx_entity_nonpoly.entity_id   2 
_pdbx_entity_nonpoly.name        water 
_pdbx_entity_nonpoly.comp_id     HOH 
# 
loop_
_entity_poly_seq.entity_id 
_entity_poly_seq.num 
_entity_poly_seq.mon_id 
_entity_poly_seq.hetero 
1 1 ASN n 
1 2 VAL n 
1 3 GLY n 
1 4 SER n 
1 5 ASN n 
1 6 THR n 
1 7 TYR n 
# 
_pdbx_entity_src_syn.entity_id              1 
_pdbx_entity_src_syn.pdbx_src_id            1 
_pdbx_entity_src_syn.pdbx_alt_source_flag   sample 
_pdbx_entity_src_syn.pdbx_beg_seq_num       ? 
_pdbx_entity_src_syn.pdbx_end_seq_num       ? 
_pdbx_entity_src_syn.organism_scientific    'Homo sapiens' 
_pdbx_entity_src_syn.organism_common_name   Human 
_pdbx_entity_src_syn.ncbi_taxonomy_id       9606 
_pdbx_entity_src_syn.details                ? 
# 
loop_
_chem_comp.id 
_chem_comp.type 
_chem_comp.mon_nstd_flag 
_chem_comp.name 
_chem_comp.pdbx_synonyms 
_chem_comp.formula 
_chem_comp.formula_weight 
ASN 'L-peptide linking' y ASPARAGINE ? 'C4 H8 N2 O3' 132.118 
GLY 'peptide linking'   y GLYCINE    ? 'C2 H5 N O2'  75.067  
HOH non-polymer         . WATER      ? 'H2 O'        18.015  
SER 'L-peptide linking' y SERINE     ? 'C3 H7 N O3'  105.093 
THR 'L-peptide linking' y THREONINE  ? 'C4 H9 N O3'  119.119 
TYR 'L-peptide linking' y TYROSINE   ? 'C9 H11 N O3' 181.189 
VAL 'L-peptide linking' y VALINE     ? 'C5 H11 N O2' 117.146 
# 
loop_
_pdbx_poly_seq_scheme.asym_id 
_pdbx_poly_seq_scheme.entity_id 
_pdbx_poly_seq_scheme.seq_id 
_pdbx_poly_seq_scheme.mon_id 
_pdbx_poly_seq_scheme.ndb_seq_num 
_pdbx_poly_seq_scheme.pdb_seq_num 
_pdbx_poly_seq_scheme.auth_seq_num 
_pdbx_poly_seq_scheme.pdb_mon_id 
_pdbx_poly_seq_scheme.auth_mon_id 
_pdbx_poly_seq_scheme.pdb_strand_id 
_pdbx_poly_seq_scheme.pdb_ins_code 
_pdbx_poly_seq_scheme.hetero 
A 1 1 ASN 1 1 1 ASN ASN A . n 
A 1 2 VAL 2 2 2 VAL VAL A . n 
A 1 3 GLY 3 3 3 GLY GLY A . n 
A 1 4 SER 4 4 4 SER SER A . n 
A 1 5 ASN 5 5 5 ASN ASN A . n 
A 1 6 THR 6 6 6 THR THR A . n 
A 1 7 TYR 7 7 7 TYR TYR A . n 
# 
loop_
_pdbx_nonpoly_scheme.asym_id 
_pdbx_nonpoly_scheme.entity_id 
_pdbx_nonpoly_scheme.mon_id 
_pdbx_nonpoly_scheme.ndb_seq_num 
_pdbx_nonpoly_scheme.pdb_seq_num 
_pdbx_nonpoly_scheme.auth_seq_num 
_pdbx_nonpoly_scheme.pdb_mon_id 
_pdbx_nonpoly_scheme.auth_mon_id 
_pdbx_nonpoly_scheme.pdb_strand_id 
_pdbx_nonpoly_scheme.pdb_ins_code 
B 2 HOH 1 8  1 HOH HOH A . 
B 2 HOH 2 9  2 HOH HOH A . 
B 2 HOH 3 10 3 HOH HOH A . 
B 2 HOH 4 11 4 HOH HOH A . 
B 2 HOH 5 12 5 HOH HOH A . 
# 
loop_
_software.name 
_software.version 
_software.date 
_software.type 
_software.contact_author 
_software.contact_author_email 
_software.classification 
_software.location 
_software.language 
_software.citation_id 
_software.pdbx_ordinal 
DENZO       .       ?               package 'Zbyszek Otwinowski' hkl@hkl-xray.com            'data reduction'  
http://www.hkl-xray.com/                     ?          ? 1 
SCALEPACK   .       ?               package 'Zbyszek Otwinowski' hkl@hkl-xray.com            'data scaling'    
http://www.hkl-xray.com/                     ?          ? 2 
PHASER      .       ?               program 'Randy J. Read'      cimr-phaser@lists.cam.ac.uk phasing           
http://www-structmed.cimr.cam.ac.uk/phaser/  ?          ? 3 
REFMAC      .       ?               program 'Garib N. Murshudov' garib@ysbl.york.ac.uk       refinement        
http://www.ccp4.ac.uk/dist/html/refmac5.html Fortran_77 ? 4 
PDB_EXTRACT 3.006   'June 11, 2008' package PDB                  help@deposit.rcsb.org       'data extraction' 
http://sw-tools.pdb.org/apps/PDB_EXTRACT/    C++        ? 5 
ADSC        Quantum ?               ?       ?                    ?                           'data collection' ? ?          ? 6 
# 
_cell.length_a           20.630 
_cell.length_b           4.700 
_cell.length_c           21.009 
_cell.angle_alpha        90.000 
_cell.angle_beta         92.280 
_cell.angle_gamma        90.000 
_cell.entry_id           3FTK 
_cell.pdbx_unique_axis   ? 
_cell.Z_PDB              2 
_cell.length_a_esd       ? 
_cell.length_b_esd       ? 
_cell.length_c_esd       ? 
_cell.angle_alpha_esd    ? 
_cell.angle_beta_esd     ? 
_cell.angle_gamma_esd    ? 
# 
_symmetry.space_group_name_H-M             'P 1 21 1' 
_symmetry.entry_id                         3FTK 
_symmetry.Int_Tables_number                4 
_symmetry.pdbx_full_space_group_name_H-M   ? 
_symmetry.cell_setting                     ? 
_symmetry.space_group_name_Hall            ? 
# 
_exptl.crystals_number   1 
_exptl.entry_id          3FTK 
_exptl.method            'X-RAY DIFFRACTION' 
# 
_exptl_crystal.id                    1 
_exptl_crystal.density_Matthews      ? 
_exptl_crystal.density_meas          ? 
_exptl_crystal.density_percent_sol   ? 
_exptl_crystal.description           ? 
_exptl_crystal.F_000                 ? 
_exptl_crystal.preparation           ? 
# 
_exptl_crystal_grow.crystal_id      1 
_exptl_crystal_grow.method          'VAPOR DIFFUSION, HANGING DROP' 
_exptl_crystal_grow.pH              7.5 
_exptl_crystal_grow.temp            298 
_exptl_crystal_grow.pdbx_details    '0.1M HEPES pH 7.5, 25% PEG 3350, vapor diffusion, hanging drop, temperature 298K' 
_exptl_crystal_grow.temp_details    ? 
_exptl_crystal_grow.pdbx_pH_range   . 
# 
_diffrn.id                     1 
_diffrn.ambient_temp           100 
_diffrn.ambient_temp_details   ? 
_diffrn.crystal_id             1 
# 
_diffrn_detector.diffrn_id              1 
_diffrn_detector.detector               CCD 
_diffrn_detector.type                   'ADSC QUANTUM 315' 
_diffrn_detector.pdbx_collection_date   2008-10-29 
_diffrn_detector.details                ? 
# 
_diffrn_radiation.diffrn_id                        1 
_diffrn_radiation.pdbx_diffrn_protocol             'SINGLE WAVELENGTH' 
_diffrn_radiation.monochromator                    ? 
_diffrn_radiation.wavelength_id                    1 
_diffrn_radiation.pdbx_monochromatic_or_laue_m_l   M 
_diffrn_radiation.pdbx_scattering_type             x-ray 
# 
_diffrn_radiation_wavelength.id           1 
_diffrn_radiation_wavelength.wavelength   0.9792 
_diffrn_radiation_wavelength.wt           1.0 
# 
_diffrn_source.diffrn_id                   1 
_diffrn_source.source                      SYNCHROTRON 
_diffrn_source.type                        'APS BEAMLINE 24-ID-E' 
_diffrn_source.pdbx_wavelength_list        0.9792 
_diffrn_source.pdbx_wavelength             ? 
_diffrn_source.pdbx_synchrotron_site       APS 
_diffrn_source.pdbx_synchrotron_beamline   24-ID-E 
# 
_reflns.entry_id                     3FTK 
_reflns.d_resolution_high            1.500 
_reflns.d_resolution_low             90.000 
_reflns.number_obs                   742 
_reflns.pdbx_Rmerge_I_obs            0.189 
_reflns.pdbx_chi_squared             1.033 
_reflns.pdbx_redundancy              5.200 
_reflns.percent_possible_obs         95.000 
_reflns.observed_criterion_sigma_F   ? 
_reflns.observed_criterion_sigma_I   -3 
_reflns.number_all                   742 
_reflns.pdbx_Rsym_value              ? 
_reflns.B_iso_Wilson_estimate        12.8 
_reflns.R_free_details               ? 
_reflns.limit_h_max                  ? 
_reflns.limit_h_min                  ? 
_reflns.limit_k_max                  ? 
_reflns.limit_k_min                  ? 
_reflns.limit_l_max                  ? 
_reflns.limit_l_min                  ? 
_reflns.observed_criterion_F_max     ? 
_reflns.observed_criterion_F_min     ? 
_reflns.pdbx_scaling_rejects         ? 
_reflns.pdbx_netI_over_sigmaI        ? 
_reflns.pdbx_diffrn_id               1 
_reflns.pdbx_ordinal                 1 
# 
_reflns_shell.d_res_high             1.50 
_reflns_shell.d_res_low              1.62 
_reflns_shell.number_measured_obs    ? 
_reflns_shell.number_measured_all    ? 
_reflns_shell.number_unique_obs      ? 
_reflns_shell.Rmerge_I_obs           0.392 
_reflns_shell.meanI_over_sigI_obs    2.2 
_reflns_shell.pdbx_Rsym_value        ? 
_reflns_shell.pdbx_chi_squared       1.191 
_reflns_shell.pdbx_redundancy        2.80 
_reflns_shell.percent_possible_obs   ? 
_reflns_shell.number_unique_all      134 
_reflns_shell.percent_possible_all   86.50 
_reflns_shell.pdbx_diffrn_id         ? 
_reflns_shell.pdbx_ordinal           1 
# 
_refine.entry_id                                 3FTK 
_refine.ls_d_res_high                            1.500 
_refine.ls_d_res_low                             20.980 
_refine.pdbx_ls_sigma_F                          0.00 
_refine.ls_percent_reflns_obs                    94.500 
_refine.ls_number_reflns_obs                     739 
_refine.pdbx_ls_cross_valid_method               THROUGHOUT 
_refine.pdbx_R_Free_selection_details            RANDOM 
_refine.details                                  'HYDROGENS HAVE BEEN ADDED IN THE RIDING POSITIONS' 
_refine.ls_R_factor_obs                          0.149 
_refine.ls_R_factor_R_work                       0.148 
_refine.ls_wR_factor_R_work                      0.151 
_refine.ls_R_factor_R_free                       0.158 
_refine.ls_wR_factor_R_free                      0.158 
_refine.ls_percent_reflns_R_free                 10.400 
_refine.ls_number_reflns_R_free                  77 
_refine.B_iso_mean                               4.184 
_refine.aniso_B[1][1]                            -0.210 
_refine.aniso_B[2][2]                            0.280 
_refine.aniso_B[3][3]                            -0.080 
_refine.aniso_B[1][2]                            0.000 
_refine.aniso_B[1][3]                            -0.140 
_refine.aniso_B[2][3]                            0.000 
_refine.correlation_coeff_Fo_to_Fc               0.965 
_refine.correlation_coeff_Fo_to_Fc_free          0.969 
_refine.overall_SU_R_Cruickshank_DPI             0.086 
_refine.overall_SU_R_free                        0.074 
_refine.pdbx_overall_ESU_R                       0.086 
_refine.pdbx_overall_ESU_R_Free                  0.074 
_refine.overall_SU_ML                            0.043 
_refine.overall_SU_B                             1.176 
_refine.solvent_model_details                    MASK 
_refine.pdbx_solvent_vdw_probe_radii             1.400 
_refine.pdbx_solvent_ion_probe_radii             0.800 
_refine.pdbx_solvent_shrinkage_radii             0.800 
_refine.pdbx_method_to_determine_struct          'MOLECULAR REPLACEMENT' 
_refine.pdbx_stereochemistry_target_values       'MAXIMUM LIKELIHOOD' 
_refine.overall_FOM_work_R_set                   0.919 
_refine.B_iso_max                                10.79 
_refine.B_iso_min                                2.55 
_refine.occupancy_max                            1.00 
_refine.occupancy_min                            1.00 
_refine.pdbx_ls_sigma_I                          ? 
_refine.ls_number_reflns_all                     ? 
_refine.ls_R_factor_all                          ? 
_refine.ls_redundancy_reflns_obs                 ? 
_refine.pdbx_data_cutoff_high_absF               ? 
_refine.pdbx_data_cutoff_low_absF                ? 
_refine.ls_number_parameters                     ? 
_refine.ls_number_restraints                     ? 
_refine.ls_R_factor_R_free_error                 ? 
_refine.ls_R_factor_R_free_error_details         ? 
_refine.pdbx_starting_model                      ? 
_refine.pdbx_stereochem_target_val_spec_case     ? 
_refine.solvent_model_param_bsol                 ? 
_refine.solvent_model_param_ksol                 ? 
_refine.pdbx_isotropic_thermal_model             ? 
_refine.pdbx_data_cutoff_high_rms_absF           ? 
_refine.overall_FOM_free_R_set                   ? 
_refine.pdbx_overall_phase_error                 ? 
_refine.pdbx_refine_id                           'X-RAY DIFFRACTION' 
_refine.pdbx_diffrn_id                           1 
_refine.pdbx_TLS_residual_ADP_flag               ? 
_refine.pdbx_overall_SU_R_free_Cruickshank_DPI   ? 
_refine.pdbx_overall_SU_R_Blow_DPI               ? 
_refine.pdbx_overall_SU_R_free_Blow_DPI          ? 
# 
_refine_hist.pdbx_refine_id                   'X-RAY DIFFRACTION' 
_refine_hist.cycle_id                         LAST 
_refine_hist.pdbx_number_atoms_protein        53 
_refine_hist.pdbx_number_atoms_nucleic_acid   0 
_refine_hist.pdbx_number_atoms_ligand         0 
_refine_hist.number_atoms_solvent             5 
_refine_hist.number_atoms_total               58 
_refine_hist.d_res_high                       1.500 
_refine_hist.d_res_low                        20.980 
# 
loop_
_refine_ls_restr.type 
_refine_ls_restr.number 
_refine_ls_restr.dev_ideal 
_refine_ls_restr.dev_ideal_target 
_refine_ls_restr.weight 
_refine_ls_restr.pdbx_refine_id 
_refine_ls_restr.pdbx_restraint_function 
r_bond_refined_d       53 0.006  0.021  ? 'X-RAY DIFFRACTION' ? 
r_bond_other_d         28 0.002  0.020  ? 'X-RAY DIFFRACTION' ? 
r_angle_refined_deg    72 1.124  1.919  ? 'X-RAY DIFFRACTION' ? 
r_angle_other_deg      69 0.687  3.000  ? 'X-RAY DIFFRACTION' ? 
r_dihedral_angle_1_deg 6  6.407  5.000  ? 'X-RAY DIFFRACTION' ? 
r_dihedral_angle_2_deg 3  52.825 26.667 ? 'X-RAY DIFFRACTION' ? 
r_dihedral_angle_3_deg 6  7.731  15.000 ? 'X-RAY DIFFRACTION' ? 
r_chiral_restr         8  0.052  0.200  ? 'X-RAY DIFFRACTION' ? 
r_gen_planes_refined   62 0.004  0.020  ? 'X-RAY DIFFRACTION' ? 
r_gen_planes_other     10 0.000  0.020  ? 'X-RAY DIFFRACTION' ? 
r_mcbond_it            34 0.433  1.500  ? 'X-RAY DIFFRACTION' ? 
r_mcbond_other         14 0.101  1.500  ? 'X-RAY DIFFRACTION' ? 
r_mcangle_it           54 0.645  2.000  ? 'X-RAY DIFFRACTION' ? 
r_scbond_it            19 0.618  3.000  ? 'X-RAY DIFFRACTION' ? 
r_scangle_it           18 1.011  4.500  ? 'X-RAY DIFFRACTION' ? 
# 
_refine_ls_shell.d_res_high                       1.5 
_refine_ls_shell.d_res_low                        1.672 
_refine_ls_shell.pdbx_total_number_of_bins_used   5 
_refine_ls_shell.percent_reflns_obs               84.950 
_refine_ls_shell.number_reflns_R_work             155 
_refine_ls_shell.R_factor_all                     ? 
_refine_ls_shell.R_factor_R_work                  0.199 
_refine_ls_shell.R_factor_R_free                  0.277 
_refine_ls_shell.percent_reflns_R_free            ? 
_refine_ls_shell.number_reflns_R_free             20 
_refine_ls_shell.R_factor_R_free_error            ? 
_refine_ls_shell.number_reflns_all                175 
_refine_ls_shell.number_reflns_obs                ? 
_refine_ls_shell.redundancy_reflns_obs            ? 
_refine_ls_shell.pdbx_refine_id                   'X-RAY DIFFRACTION' 
# 
_struct.entry_id                  3FTK 
_struct.title                     'NVGSNTY segment from Islet Amyloid Polypeptide (IAPP or Amylin), hydrated crystal form' 
_struct.pdbx_model_details        ? 
_struct.pdbx_CASP_flag            ? 
_struct.pdbx_model_type_details   ? 
# 
_struct_keywords.entry_id        3FTK 
_struct_keywords.text            'amyloid-like protofibril, PROTEIN FIBRIL' 
_struct_keywords.pdbx_keywords   'PROTEIN FIBRIL' 
# 
loop_
_struct_asym.id 
_struct_asym.pdbx_blank_PDB_chainid_flag 
_struct_asym.pdbx_modified 
_struct_asym.entity_id 
_struct_asym.details 
A N N 1 ? 
B N N 2 ? 
# 
_struct_ref.id                         1 
_struct_ref.db_name                    PDB 
_struct_ref.db_code                    3FTK 
_struct_ref.pdbx_db_accession          3FTK 
_struct_ref.entity_id                  1 
_struct_ref.pdbx_align_begin           ? 
_struct_ref.pdbx_seq_one_letter_code   NVGSNTY 
_struct_ref.pdbx_db_isoform            ? 
# 
_struct_ref_seq.align_id                      1 
_struct_ref_seq.ref_id                        1 
_struct_ref_seq.pdbx_PDB_id_code              3FTK 
_struct_ref_seq.pdbx_strand_id                A 
_struct_ref_seq.seq_align_beg                 1 
_struct_ref_seq.pdbx_seq_align_beg_ins_code   ? 
_struct_ref_seq.seq_align_end                 7 
_struct_ref_seq.pdbx_seq_align_end_ins_code   ? 
_struct_ref_seq.pdbx_db_accession             3FTK 
_struct_ref_seq.db_align_beg                  1 
_struct_ref_seq.pdbx_db_align_beg_ins_code    ? 
_struct_ref_seq.db_align_end                  7 
_struct_ref_seq.pdbx_db_align_end_ins_code    ? 
_struct_ref_seq.pdbx_auth_seq_align_beg       1 
_struct_ref_seq.pdbx_auth_seq_align_end       7 
# 
loop_
_pdbx_struct_assembly.id 
_pdbx_struct_assembly.details 
_pdbx_struct_assembly.method_details 
_pdbx_struct_assembly.oligomeric_details 
_pdbx_struct_assembly.oligomeric_count 
1 author_defined_assembly   ?    trimeric  3 
2 author_defined_assembly   ?    trimeric  3 
3 software_defined_assembly PISA monomeric 1 
# 
loop_
_pdbx_struct_assembly_gen.assembly_id 
_pdbx_struct_assembly_gen.oper_expression 
_pdbx_struct_assembly_gen.asym_id_list 
1 1,2,3 A,B 
2 4,5,6 A,B 
3 1     A,B 
# 
loop_
_pdbx_struct_oper_list.id 
_pdbx_struct_oper_list.type 
_pdbx_struct_oper_list.name 
_pdbx_struct_oper_list.symmetry_operation 
_pdbx_struct_oper_list.matrix[1][1] 
_pdbx_struct_oper_list.matrix[1][2] 
_pdbx_struct_oper_list.matrix[1][3] 
_pdbx_struct_oper_list.vector[1] 
_pdbx_struct_oper_list.matrix[2][1] 
_pdbx_struct_oper_list.matrix[2][2] 
_pdbx_struct_oper_list.matrix[2][3] 
_pdbx_struct_oper_list.vector[2] 
_pdbx_struct_oper_list.matrix[3][1] 
_pdbx_struct_oper_list.matrix[3][2] 
_pdbx_struct_oper_list.matrix[3][3] 
_pdbx_struct_oper_list.vector[3] 
1 'identity operation'         1_555 x,y,z       1.0000000000 0.0000000000  0.0000000000 0.0000000000  0.0000000000  1.0000000000  0.0000000000  0.0000000000  0.0000000000 0.0000000000  1.0000000000  0.0000000000  
2 'crystal symmetry operation' 1_565 x,y+1,z     1.0000000000 0.0000000000  0.0000000000 -3.4891081831 0.0000000000  1.0000000000  0.0000000000  1.1311668293  0.0000000000 0.0000000000  1.0000000000  -2.9388068481 
3 'crystal symmetry operation' 1_545 x,y-1,z     1.0000000000 0.0000000000  0.0000000000 3.4891081831  0.0000000000  1.0000000000  0.0000000000  -1.1311668293 0.0000000000 0.0000000000  1.0000000000  2.9388068481  
4 'crystal symmetry operation' 2_555 -x,y+1/2,-z 0.1022069637 -0.3573348520 0.9283671365 4.3266428075  -0.3573348520 -0.8841522503 -0.3009760819 7.7088299845  0.9283671365 -0.3009760819 -0.2180547134 -5.9279676939 
5 'crystal symmetry operation' 2_565 -x,y+3/2,-z 0.1022069637 -0.3573348520 0.9283671365 0.8375346244  -0.3573348520 -0.8841522503 -0.3009760819 8.8399968137  0.9283671365 -0.3009760819 -0.2180547134 -8.8667745421 
6 'crystal symmetry operation' 2_545 -x,y-1/2,-z 0.1022069637 -0.3573348520 0.9283671365 7.8157509907  -0.3573348520 -0.8841522503 -0.3009760819 6.5776631552  0.9283671365 -0.3009760819 -0.2180547134 -2.9891608458 
# 
_struct_biol.id        1 
_struct_biol.details   
;THE AUTHORS STATE THAT THE BIOLOGICAL UNIT IS A 
INDEFINITELY LONG PAIR OF SHEETS (A PROTOFIBRIL). ONE SHEET 
FORMED BY CHAIN A AND CRYSTALLOGRAPHIC TRANSLATIONS 
ALONG THE "B" CELL DIMENSION (E.G. X,Y,Z AND X,Y+1,Z). THE 
SECOND SHEET IS CONSTRUCTED FROM -X, Y+1/2,-Z AND 
CRYSTALLOGRAPHIC TRANSLATIONS ALONG THE "B" CELL DIMENSION (E.G. 
-X, Y+3/2,-Z).
;
# 
_pdbx_phasing_MR.entry_id                     3FTK 
_pdbx_phasing_MR.method_rotation              ? 
_pdbx_phasing_MR.method_translation           ? 
_pdbx_phasing_MR.model_details                'Phaser MODE: MR_AUTO' 
_pdbx_phasing_MR.R_factor                     ? 
_pdbx_phasing_MR.R_rigid_body                 ? 
_pdbx_phasing_MR.correlation_coeff_Fo_to_Fc   ? 
_pdbx_phasing_MR.correlation_coeff_Io_to_Ic   ? 
_pdbx_phasing_MR.d_res_high_rotation          ? 
_pdbx_phasing_MR.d_res_low_rotation           ? 
_pdbx_phasing_MR.d_res_high_translation       ? 
_pdbx_phasing_MR.d_res_low_translation        ? 
_pdbx_phasing_MR.packing                      ? 
_pdbx_phasing_MR.reflns_percent_rotation      ? 
_pdbx_phasing_MR.reflns_percent_translation   ? 
_pdbx_phasing_MR.sigma_F_rotation             ? 
_pdbx_phasing_MR.sigma_F_translation          ? 
_pdbx_phasing_MR.sigma_I_rotation             ? 
_pdbx_phasing_MR.sigma_I_translation          ? 
# 
_phasing.method   MR 
# 
loop_
_chem_comp_atom.comp_id 
_chem_comp_atom.atom_id 
_chem_comp_atom.type_symbol 
_chem_comp_atom.pdbx_aromatic_flag 
_chem_comp_atom.pdbx_stereo_config 
_chem_comp_atom.pdbx_ordinal 
ASN N    N N N 1   
ASN CA   C N S 2   
ASN C    C N N 3   
ASN O    O N N 4   
ASN CB   C N N 5   
ASN CG   C N N 6   
ASN OD1  O N N 7   
ASN ND2  N N N 8   
ASN OXT  O N N 9   
ASN H    H N N 10  
ASN H2   H N N 11  
ASN HA   H N N 12  
ASN HB2  H N N 13  
ASN HB3  H N N 14  
ASN HD21 H N N 15  
ASN HD22 H N N 16  
ASN HXT  H N N 17  
GLY N    N N N 18  
GLY CA   C N N 19  
GLY C    C N N 20  
GLY O    O N N 21  
GLY OXT  O N N 22  
GLY H    H N N 23  
GLY H2   H N N 24  
GLY HA2  H N N 25  
GLY HA3  H N N 26  
GLY HXT  H N N 27  
HOH O    O N N 28  
HOH H1   H N N 29  
HOH H2   H N N 30  
SER N    N N N 31  
SER CA   C N S 32  
SER C    C N N 33  
SER O    O N N 34  
SER CB   C N N 35  
SER OG   O N N 36  
SER OXT  O N N 37  
SER H    H N N 38  
SER H2   H N N 39  
SER HA   H N N 40  
SER HB2  H N N 41  
SER HB3  H N N 42  
SER HG   H N N 43  
SER HXT  H N N 44  
THR N    N N N 45  
THR CA   C N S 46  
THR C    C N N 47  
THR O    O N N 48  
THR CB   C N R 49  
THR OG1  O N N 50  
THR CG2  C N N 51  
THR OXT  O N N 52  
THR H    H N N 53  
THR H2   H N N 54  
THR HA   H N N 55  
THR HB   H N N 56  
THR HG1  H N N 57  
THR HG21 H N N 58  
THR HG22 H N N 59  
THR HG23 H N N 60  
THR HXT  H N N 61  
TYR N    N N N 62  
TYR CA   C N S 63  
TYR C    C N N 64  
TYR O    O N N 65  
TYR CB   C N N 66  
TYR CG   C Y N 67  
TYR CD1  C Y N 68  
TYR CD2  C Y N 69  
TYR CE1  C Y N 70  
TYR CE2  C Y N 71  
TYR CZ   C Y N 72  
TYR OH   O N N 73  
TYR OXT  O N N 74  
TYR H    H N N 75  
TYR H2   H N N 76  
TYR HA   H N N 77  
TYR HB2  H N N 78  
TYR HB3  H N N 79  
TYR HD1  H N N 80  
TYR HD2  H N N 81  
TYR HE1  H N N 82  
TYR HE2  H N N 83  
TYR HH   H N N 84  
TYR HXT  H N N 85  
VAL N    N N N 86  
VAL CA   C N S 87  
VAL C    C N N 88  
VAL O    O N N 89  
VAL CB   C N N 90  
VAL CG1  C N N 91  
VAL CG2  C N N 92  
VAL OXT  O N N 93  
VAL H    H N N 94  
VAL H2   H N N 95  
VAL HA   H N N 96  
VAL HB   H N N 97  
VAL HG11 H N N 98  
VAL HG12 H N N 99  
VAL HG13 H N N 100 
VAL HG21 H N N 101 
VAL HG22 H N N 102 
VAL HG23 H N N 103 
VAL HXT  H N N 104 
# 
loop_
_chem_comp_bond.comp_id 
_chem_comp_bond.atom_id_1 
_chem_comp_bond.atom_id_2 
_chem_comp_bond.value_order 
_chem_comp_bond.pdbx_aromatic_flag 
_chem_comp_bond.pdbx_stereo_config 
_chem_comp_bond.pdbx_ordinal 
ASN N   CA   sing N N 1  
ASN N   H    sing N N 2  
ASN N   H2   sing N N 3  
ASN CA  C    sing N N 4  
ASN CA  CB   sing N N 5  
ASN CA  HA   sing N N 6  
ASN C   O    doub N N 7  
ASN C   OXT  sing N N 8  
ASN CB  CG   sing N N 9  
ASN CB  HB2  sing N N 10 
ASN CB  HB3  sing N N 11 
ASN CG  OD1  doub N N 12 
ASN CG  ND2  sing N N 13 
ASN ND2 HD21 sing N N 14 
ASN ND2 HD22 sing N N 15 
ASN OXT HXT  sing N N 16 
GLY N   CA   sing N N 17 
GLY N   H    sing N N 18 
GLY N   H2   sing N N 19 
GLY CA  C    sing N N 20 
GLY CA  HA2  sing N N 21 
GLY CA  HA3  sing N N 22 
GLY C   O    doub N N 23 
GLY C   OXT  sing N N 24 
GLY OXT HXT  sing N N 25 
HOH O   H1   sing N N 26 
HOH O   H2   sing N N 27 
SER N   CA   sing N N 28 
SER N   H    sing N N 29 
SER N   H2   sing N N 30 
SER CA  C    sing N N 31 
SER CA  CB   sing N N 32 
SER CA  HA   sing N N 33 
SER C   O    doub N N 34 
SER C   OXT  sing N N 35 
SER CB  OG   sing N N 36 
SER CB  HB2  sing N N 37 
SER CB  HB3  sing N N 38 
SER OG  HG   sing N N 39 
SER OXT HXT  sing N N 40 
THR N   CA   sing N N 41 
THR N   H    sing N N 42 
THR N   H2   sing N N 43 
THR CA  C    sing N N 44 
THR CA  CB   sing N N 45 
THR CA  HA   sing N N 46 
THR C   O    doub N N 47 
THR C   OXT  sing N N 48 
THR CB  OG1  sing N N 49 
THR CB  CG2  sing N N 50 
THR CB  HB   sing N N 51 
THR OG1 HG1  sing N N 52 
THR CG2 HG21 sing N N 53 
THR CG2 HG22 sing N N 54 
THR CG2 HG23 sing N N 55 
THR OXT HXT  sing N N 56 
TYR N   CA   sing N N 57 
TYR N   H    sing N N 58 
TYR N   H2   sing N N 59 
TYR CA  C    sing N N 60 
TYR CA  CB   sing N N 61 
TYR CA  HA   sing N N 62 
TYR C   O    doub N N 63 
TYR C   OXT  sing N N 64 
TYR CB  CG   sing N N 65 
TYR CB  HB2  sing N N 66 
TYR CB  HB3  sing N N 67 
TYR CG  CD1  doub Y N 68 
TYR CG  CD2  sing Y N 69 
TYR CD1 CE1  sing Y N 70 
TYR CD1 HD1  sing N N 71 
TYR CD2 CE2  doub Y N 72 
TYR CD2 HD2  sing N N 73 
TYR CE1 CZ   doub Y N 74 
TYR CE1 HE1  sing N N 75 
TYR CE2 CZ   sing Y N 76 
TYR CE2 HE2  sing N N 77 
TYR CZ  OH   sing N N 78 
TYR OH  HH   sing N N 79 
TYR OXT HXT  sing N N 80 
VAL N   CA   sing N N 81 
VAL N   H    sing N N 82 
VAL N   H2   sing N N 83 
VAL CA  C    sing N N 84 
VAL CA  CB   sing N N 85 
VAL CA  HA   sing N N 86 
VAL C   O    doub N N 87 
VAL C   OXT  sing N N 88 
VAL CB  CG1  sing N N 89 
VAL CB  CG2  sing N N 90 
VAL CB  HB   sing N N 91 
VAL CG1 HG11 sing N N 92 
VAL CG1 HG12 sing N N 93 
VAL CG1 HG13 sing N N 94 
VAL CG2 HG21 sing N N 95 
VAL CG2 HG22 sing N N 96 
VAL CG2 HG23 sing N N 97 
VAL OXT HXT  sing N N 98 
# 
_atom_sites.entry_id                    3FTK 
_atom_sites.fract_transf_matrix[1][1]   0.01868012 
_atom_sites.fract_transf_matrix[1][2]   0.04448412 
_atom_sites.fract_transf_matrix[1][3]   -0.00505579 
_atom_sites.fract_transf_matrix[2][1]   -0.15794970 
_atom_sites.fract_transf_matrix[2][2]   0.05120720 
_atom_sites.fract_transf_matrix[2][3]   -0.13303791 
_atom_sites.fract_transf_matrix[3][1]   -0.02536899 
_atom_sites.fract_transf_matrix[3][2]   0.01687822 
_atom_sites.fract_transf_matrix[3][3]   0.03661596 
_atom_sites.fract_transf_vector[1]      -0.226857 
_atom_sites.fract_transf_vector[2]      0.178511 
_atom_sites.fract_transf_vector[3]      0.098355 
# 
loop_
_atom_type.symbol 
C 
N 
O 
# 
loop_
_atom_site.group_PDB 
_atom_site.id 
_atom_site.type_symbol 
_atom_site.label_atom_id 
_atom_site.label_alt_id 
_atom_site.label_comp_id 
_atom_site.label_asym_id 
_atom_site.label_entity_id 
_atom_site.label_seq_id 
_atom_site.pdbx_PDB_ins_code 
_atom_site.Cartn_x 
_atom_site.Cartn_y 
_atom_site.Cartn_z 
_atom_site.occupancy 
_atom_site.B_iso_or_equiv 
_atom_site.pdbx_formal_charge 
_atom_site.auth_seq_id 
_atom_site.auth_comp_id 
_atom_site.auth_asym_id 
_atom_site.auth_atom_id 
_atom_site.pdbx_PDB_model_num 
ATOM   1  N N   . ASN A 1 1 ? -6.626 0.188  5.692  1.00 2.55  ? 1  ASN A N   1 
ATOM   2  C CA  . ASN A 1 1 ? -5.183 0.506  5.444  1.00 3.47  ? 1  ASN A CA  1 
ATOM   3  C C   . ASN A 1 1 ? -5.022 1.788  4.654  1.00 3.17  ? 1  ASN A C   1 
ATOM   4  O O   . ASN A 1 1 ? -5.862 2.102  3.799  1.00 3.94  ? 1  ASN A O   1 
ATOM   5  C CB  . ASN A 1 1 ? -4.517 -0.597 4.633  1.00 3.56  ? 1  ASN A CB  1 
ATOM   6  C CG  . ASN A 1 1 ? -4.575 -1.938 5.306  1.00 4.84  ? 1  ASN A CG  1 
ATOM   7  O OD1 . ASN A 1 1 ? -4.214 -2.080 6.476  1.00 3.89  ? 1  ASN A OD1 1 
ATOM   8  N ND2 . ASN A 1 1 ? -5.014 -2.948 4.561  1.00 5.72  ? 1  ASN A ND2 1 
ATOM   9  N N   . VAL A 1 2 ? -3.919 2.492  4.895  1.00 3.10  ? 2  VAL A N   1 
ATOM   10 C CA  . VAL A 1 2 ? -3.579 3.670  4.107  1.00 2.97  ? 2  VAL A CA  1 
ATOM   11 C C   . VAL A 1 2 ? -2.226 3.481  3.420  1.00 3.07  ? 2  VAL A C   1 
ATOM   12 O O   . VAL A 1 2 ? -1.201 3.326  4.083  1.00 3.02  ? 2  VAL A O   1 
ATOM   13 C CB  . VAL A 1 2 ? -3.560 4.935  4.980  1.00 3.17  ? 2  VAL A CB  1 
ATOM   14 C CG1 . VAL A 1 2 ? -3.198 6.146  4.147  1.00 3.57  ? 2  VAL A CG1 1 
ATOM   15 C CG2 . VAL A 1 2 ? -4.921 5.128  5.651  1.00 2.92  ? 2  VAL A CG2 1 
ATOM   16 N N   . GLY A 1 3 ? -2.236 3.460  2.088  1.00 3.19  ? 3  GLY A N   1 
ATOM   17 C CA  . GLY A 1 3 ? -0.995 3.509  1.320  1.00 3.43  ? 3  GLY A CA  1 
ATOM   18 C C   . GLY A 1 3 ? -0.083 2.297  1.430  1.00 3.57  ? 3  GLY A C   1 
ATOM   19 O O   . GLY A 1 3 ? 1.138  2.442  1.411  1.00 4.06  ? 3  GLY A O   1 
ATOM   20 N N   . SER A 1 4 ? -0.651 1.103  1.571  1.00 3.39  ? 4  SER A N   1 
ATOM   21 C CA  . SER A 1 4 ? 0.160  -0.112 1.525  1.00 3.68  ? 4  SER A CA  1 
ATOM   22 C C   . SER A 1 4 ? 0.186  -0.565 0.073  1.00 4.09  ? 4  SER A C   1 
ATOM   23 O O   . SER A 1 4 ? -0.762 -1.197 -0.409 1.00 5.28  ? 4  SER A O   1 
ATOM   24 C CB  . SER A 1 4 ? -0.401 -1.207 2.432  1.00 3.75  ? 4  SER A CB  1 
ATOM   25 O OG  . SER A 1 4 ? -0.187 -0.897 3.806  1.00 3.41  ? 4  SER A OG  1 
ATOM   26 N N   . ASN A 1 5 ? 1.261  -0.213 -0.629 1.00 3.94  ? 5  ASN A N   1 
ATOM   27 C CA  . ASN A 1 5 ? 1.379  -0.487 -2.055 1.00 3.71  ? 5  ASN A CA  1 
ATOM   28 C C   . ASN A 1 5 ? 2.197  -1.741 -2.314 1.00 3.72  ? 5  ASN A C   1 
ATOM   29 O O   . ASN A 1 5 ? 3.052  -2.101 -1.510 1.00 3.39  ? 5  ASN A O   1 
ATOM   30 C CB  . ASN A 1 5 ? 2.030  0.696  -2.775 1.00 3.86  ? 5  ASN A CB  1 
ATOM   31 C CG  . ASN A 1 5 ? 1.315  2.009  -2.518 1.00 4.32  ? 5  ASN A CG  1 
ATOM   32 O OD1 . ASN A 1 5 ? 0.260  2.274  -3.102 1.00 4.93  ? 5  ASN A OD1 1 
ATOM   33 N ND2 . ASN A 1 5 ? 1.893  2.845  -1.659 1.00 5.06  ? 5  ASN A ND2 1 
ATOM   34 N N   . THR A 1 6 ? 1.956  -2.393 -3.446 1.00 3.56  ? 6  THR A N   1 
ATOM   35 C CA  . THR A 1 6 ? 2.766  -3.546 -3.835 1.00 4.02  ? 6  THR A CA  1 
ATOM   36 C C   . THR A 1 6 ? 3.422  -3.294 -5.181 1.00 4.23  ? 6  THR A C   1 
ATOM   37 O O   . THR A 1 6 ? 2.803  -2.727 -6.092 1.00 4.48  ? 6  THR A O   1 
ATOM   38 C CB  . THR A 1 6 ? 1.947  -4.856 -3.873 1.00 3.80  ? 6  THR A CB  1 
ATOM   39 O OG1 . THR A 1 6 ? 1.069  -4.862 -5.011 1.00 3.85  ? 6  THR A OG1 1 
ATOM   40 C CG2 . THR A 1 6 ? 1.137  -5.008 -2.599 1.00 4.23  ? 6  THR A CG2 1 
ATOM   41 N N   . TYR A 1 7 ? 4.687  -3.687 -5.282 1.00 4.81  ? 7  TYR A N   1 
ATOM   42 C CA  . TYR A 1 7 ? 5.452  -3.540 -6.506 1.00 4.98  ? 7  TYR A CA  1 
ATOM   43 C C   . TYR A 1 7 ? 6.034  -4.903 -6.868 1.00 5.68  ? 7  TYR A C   1 
ATOM   44 O O   . TYR A 1 7 ? 5.307  -5.902 -6.811 1.00 6.23  ? 7  TYR A O   1 
ATOM   45 C CB  . TYR A 1 7 ? 6.538  -2.476 -6.321 1.00 4.76  ? 7  TYR A CB  1 
ATOM   46 C CG  . TYR A 1 7 ? 6.012  -1.140 -5.809 1.00 3.61  ? 7  TYR A CG  1 
ATOM   47 C CD1 . TYR A 1 7 ? 5.813  -0.918 -4.446 1.00 3.04  ? 7  TYR A CD1 1 
ATOM   48 C CD2 . TYR A 1 7 ? 5.702  -0.108 -6.689 1.00 3.20  ? 7  TYR A CD2 1 
ATOM   49 C CE1 . TYR A 1 7 ? 5.337  0.312  -3.972 1.00 2.80  ? 7  TYR A CE1 1 
ATOM   50 C CE2 . TYR A 1 7 ? 5.216  1.115  -6.228 1.00 3.51  ? 7  TYR A CE2 1 
ATOM   51 C CZ  . TYR A 1 7 ? 5.026  1.313  -4.875 1.00 3.02  ? 7  TYR A CZ  1 
ATOM   52 O OH  . TYR A 1 7 ? 4.540  2.520  -4.420 1.00 2.79  ? 7  TYR A OH  1 
ATOM   53 O OXT . TYR A 1 7 ? 7.198  -5.060 -7.226 1.00 6.63  ? 7  TYR A OXT 1 
HETATM 54 O O   . HOH B 2 . ? 2.572  -5.746 -7.216 1.00 6.96  ? 8  HOH A O   1 
HETATM 55 O O   . HOH B 2 . ? -4.681 -2.209 1.664  1.00 5.93  ? 9  HOH A O   1 
HETATM 56 O O   . HOH B 2 . ? -0.686 -7.097 -4.877 1.00 3.97  ? 10 HOH A O   1 
HETATM 57 O O   . HOH B 2 . ? -6.913 -1.443 7.811  1.00 8.08  ? 11 HOH A O   1 
HETATM 58 O O   . HOH B 2 . ? -0.982 -4.001 0.118  1.00 10.79 ? 12 HOH A O   1 
# 
